data_4IDB
#
_entry.id   4IDB
#
_cell.length_a   70.258
_cell.length_b   70.258
_cell.length_c   174.799
_cell.angle_alpha   90.000
_cell.angle_beta   90.000
_cell.angle_gamma   90.000
#
_symmetry.space_group_name_H-M   'P 43 21 2'
#
loop_
_entity.id
_entity.type
_entity.pdbx_description
1 polymer 'Ripening-induced protein'
2 non-polymer 'NADP NICOTINAMIDE-ADENINE-DINUCLEOTIDE PHOSPHATE'
3 non-polymer 'SULFATE ION'
4 non-polymer 1,2-ETHANEDIOL
5 water water
#
_entity_poly.entity_id   1
_entity_poly.type   'polypeptide(L)'
_entity_poly.pdbx_seq_one_letter_code
;MASWSHPQFEKGAAAPSESIPSVNKAWVYSEYGKTSDVLKFDPSVAVPEIKEDQVLIKVVAASLNPVDFKRALGYFKDTD
SPLPTIPGYDVAGVVVKVGSQVTKFKVGDEVYGDLNETALVNPTRFGSLAEYTAADERVLAHKPKNLSFIEAASLPLAIE
TAHEGLERAELSAGKSVLVLGGAGGVGTHIIQLAKHVFGASKVAATASTKKLDLLRTLGADLAIDYTKENFEDLPEKFDV
VYDAVGETDKAVKAVKEGGKVVTIVGPATPPAILFVLTSKGSVLEKLKPYLESGKVKPVLDPTSPYPFTKVVEAFGYLES
SRATGKVVVYPI
;
_entity_poly.pdbx_strand_id   A
#
# COMPACT_ATOMS: atom_id res chain seq x y z
N GLY A 12 -10.50 26.08 8.57
CA GLY A 12 -9.79 25.07 9.42
C GLY A 12 -9.00 25.71 10.55
N ALA A 13 -9.71 26.28 11.54
CA ALA A 13 -9.08 26.78 12.77
C ALA A 13 -8.59 25.58 13.62
N ALA A 14 -7.62 25.82 14.51
CA ALA A 14 -7.13 24.78 15.42
C ALA A 14 -8.27 24.21 16.25
N ALA A 15 -8.32 22.88 16.39
CA ALA A 15 -9.24 22.23 17.32
C ALA A 15 -8.94 22.76 18.72
N PRO A 16 -9.95 22.77 19.62
CA PRO A 16 -9.55 23.03 21.01
C PRO A 16 -8.62 21.94 21.54
N SER A 17 -7.67 22.31 22.39
CA SER A 17 -6.58 21.39 22.75
C SER A 17 -7.09 20.26 23.63
N GLU A 18 -8.02 20.60 24.51
CA GLU A 18 -8.68 19.65 25.39
C GLU A 18 -9.43 18.57 24.61
N SER A 19 -9.81 18.88 23.37
CA SER A 19 -10.56 17.95 22.51
C SER A 19 -9.76 16.84 21.87
N ILE A 20 -8.44 16.96 21.87
CA ILE A 20 -7.58 15.94 21.33
C ILE A 20 -7.07 15.07 22.48
N PRO A 21 -7.33 13.77 22.44
CA PRO A 21 -6.91 12.93 23.60
C PRO A 21 -5.40 12.65 23.58
N SER A 22 -4.88 12.32 24.77
CA SER A 22 -3.48 11.93 24.84
C SER A 22 -3.31 10.44 24.95
N VAL A 23 -4.41 9.70 25.13
CA VAL A 23 -4.39 8.22 25.03
C VAL A 23 -5.55 7.78 24.13
N ASN A 24 -5.39 6.60 23.54
CA ASN A 24 -6.39 6.06 22.64
C ASN A 24 -6.25 4.58 22.49
N LYS A 25 -7.20 3.96 21.80
CA LYS A 25 -7.12 2.54 21.53
CA LYS A 25 -7.12 2.53 21.52
C LYS A 25 -6.21 2.28 20.33
N ALA A 26 -5.43 1.16 20.41
CA ALA A 26 -4.57 0.75 19.31
C ALA A 26 -4.19 -0.69 19.42
N TRP A 27 -3.76 -1.25 18.27
CA TRP A 27 -3.14 -2.57 18.27
C TRP A 27 -1.61 -2.42 18.38
N VAL A 28 -0.96 -3.31 19.18
CA VAL A 28 0.40 -3.12 19.59
C VAL A 28 1.09 -4.47 19.66
N TYR A 29 2.36 -4.52 19.28
CA TYR A 29 3.19 -5.66 19.64
C TYR A 29 4.44 -5.15 20.33
N SER A 30 4.86 -5.92 21.34
CA SER A 30 5.99 -5.58 22.17
CA SER A 30 6.03 -5.57 22.15
C SER A 30 7.24 -6.45 21.91
N GLU A 31 7.10 -7.48 21.05
CA GLU A 31 8.20 -8.37 20.66
C GLU A 31 7.87 -8.85 19.27
N TYR A 32 8.88 -9.20 18.52
CA TYR A 32 8.71 -9.67 17.16
C TYR A 32 8.20 -11.12 17.15
N GLY A 33 7.41 -11.40 16.12
CA GLY A 33 6.87 -12.73 15.91
C GLY A 33 5.70 -12.74 14.97
N LYS A 34 4.97 -13.87 14.98
CA LYS A 34 3.79 -14.01 14.14
C LYS A 34 2.69 -13.09 14.71
N THR A 35 1.87 -12.50 13.85
CA THR A 35 0.78 -11.63 14.35
C THR A 35 -0.19 -12.40 15.24
N SER A 36 -0.40 -13.65 14.94
CA SER A 36 -1.31 -14.46 15.75
C SER A 36 -0.81 -14.60 17.20
N ASP A 37 0.49 -14.45 17.41
CA ASP A 37 1.08 -14.56 18.73
C ASP A 37 1.28 -13.20 19.42
N VAL A 38 1.80 -12.24 18.67
CA VAL A 38 2.31 -11.00 19.31
C VAL A 38 1.40 -9.78 19.25
N LEU A 39 0.46 -9.75 18.30
CA LEU A 39 -0.39 -8.58 18.12
C LEU A 39 -1.58 -8.56 19.09
N LYS A 40 -1.54 -7.57 19.98
CA LYS A 40 -2.52 -7.38 21.05
C LYS A 40 -3.24 -6.04 20.99
N PHE A 41 -4.47 -6.01 21.47
CA PHE A 41 -5.21 -4.80 21.58
C PHE A 41 -4.87 -4.15 22.91
N ASP A 42 -4.64 -2.86 22.84
CA ASP A 42 -4.33 -2.07 24.03
C ASP A 42 -5.33 -0.88 24.09
N PRO A 43 -6.16 -0.85 25.14
CA PRO A 43 -7.20 0.19 25.20
C PRO A 43 -6.74 1.59 25.54
N SER A 44 -5.47 1.75 25.91
CA SER A 44 -4.96 3.04 26.42
CA SER A 44 -4.97 3.08 26.32
C SER A 44 -3.47 3.16 26.04
N VAL A 45 -3.21 3.49 24.78
N VAL A 45 -3.16 3.51 24.81
CA VAL A 45 -1.85 3.68 24.18
CA VAL A 45 -1.78 3.78 24.45
C VAL A 45 -1.70 5.19 23.98
C VAL A 45 -1.71 5.25 24.12
N ALA A 46 -0.50 5.77 24.22
CA ALA A 46 -0.28 7.19 23.92
C ALA A 46 -0.61 7.55 22.50
N VAL A 47 -1.27 8.68 22.34
CA VAL A 47 -1.43 9.33 21.03
C VAL A 47 -0.06 10.01 20.73
N PRO A 48 0.46 9.87 19.52
CA PRO A 48 1.77 10.51 19.22
C PRO A 48 1.65 12.03 19.24
N GLU A 49 2.69 12.69 19.74
CA GLU A 49 2.87 14.11 19.61
C GLU A 49 3.41 14.38 18.23
N ILE A 50 2.86 15.37 17.57
CA ILE A 50 3.31 15.74 16.21
C ILE A 50 4.59 16.57 16.19
N LYS A 51 5.39 16.28 15.16
CA LYS A 51 6.49 17.17 14.81
C LYS A 51 5.97 18.34 14.01
N GLU A 52 6.84 19.31 13.74
CA GLU A 52 6.36 20.55 13.18
C GLU A 52 5.95 20.43 11.72
N ASP A 53 6.44 19.41 11.04
CA ASP A 53 6.05 19.13 9.67
C ASP A 53 5.06 18.02 9.49
N GLN A 54 4.33 17.71 10.57
CA GLN A 54 3.35 16.65 10.62
C GLN A 54 1.97 17.21 10.99
N VAL A 55 0.96 16.37 10.71
CA VAL A 55 -0.42 16.60 11.12
C VAL A 55 -0.84 15.42 11.96
N LEU A 56 -1.75 15.69 12.88
CA LEU A 56 -2.44 14.59 13.59
C LEU A 56 -3.75 14.29 12.86
N ILE A 57 -3.99 13.02 12.61
CA ILE A 57 -5.17 12.50 11.90
C ILE A 57 -6.04 11.70 12.88
N LYS A 58 -7.34 11.97 12.84
CA LYS A 58 -8.35 11.05 13.41
C LYS A 58 -8.54 10.00 12.32
N VAL A 59 -8.09 8.80 12.62
CA VAL A 59 -8.14 7.69 11.68
C VAL A 59 -9.56 7.24 11.47
N VAL A 60 -9.96 7.11 10.21
CA VAL A 60 -11.22 6.50 9.87
C VAL A 60 -11.08 5.06 9.42
N ALA A 61 -10.11 4.80 8.56
CA ALA A 61 -9.83 3.47 8.02
C ALA A 61 -8.35 3.30 7.82
N ALA A 62 -7.90 2.04 7.80
CA ALA A 62 -6.51 1.73 7.60
C ALA A 62 -6.44 0.50 6.72
N SER A 63 -5.43 0.37 5.87
CA SER A 63 -5.20 -0.88 5.11
C SER A 63 -4.03 -1.63 5.69
N LEU A 64 -4.05 -2.93 5.49
CA LEU A 64 -2.91 -3.78 5.81
C LEU A 64 -2.08 -4.03 4.52
N ASN A 65 -0.79 -4.21 4.75
CA ASN A 65 0.16 -4.53 3.69
C ASN A 65 1.07 -5.65 4.16
N PRO A 66 1.64 -6.44 3.27
CA PRO A 66 2.60 -7.45 3.71
C PRO A 66 3.73 -6.92 4.57
N VAL A 67 4.20 -5.72 4.27
CA VAL A 67 5.25 -5.12 5.07
C VAL A 67 4.90 -5.09 6.57
N ASP A 68 3.61 -4.94 6.90
CA ASP A 68 3.20 -4.90 8.32
C ASP A 68 3.59 -6.21 8.97
N PHE A 69 3.27 -7.36 8.37
CA PHE A 69 3.61 -8.63 9.02
C PHE A 69 5.10 -9.00 8.88
N LYS A 70 5.75 -8.62 7.77
CA LYS A 70 7.17 -8.91 7.64
C LYS A 70 7.96 -8.10 8.70
N ARG A 71 7.58 -6.86 8.90
CA ARG A 71 8.15 -5.96 9.94
C ARG A 71 7.98 -6.62 11.32
N ALA A 72 6.74 -7.08 11.61
CA ALA A 72 6.41 -7.62 12.91
C ALA A 72 7.15 -8.91 13.19
N LEU A 73 7.55 -9.66 12.13
CA LEU A 73 8.42 -10.83 12.27
C LEU A 73 9.87 -10.49 12.54
N GLY A 74 10.20 -9.20 12.47
CA GLY A 74 11.54 -8.73 12.76
C GLY A 74 12.47 -8.73 11.58
N TYR A 75 11.94 -8.79 10.40
CA TYR A 75 12.77 -8.90 9.18
C TYR A 75 13.63 -7.69 8.92
N PHE A 76 13.29 -6.53 9.49
CA PHE A 76 14.20 -5.39 9.35
C PHE A 76 14.47 -4.71 10.67
N LYS A 77 14.73 -5.53 11.67
CA LYS A 77 14.99 -5.02 13.01
C LYS A 77 16.12 -4.00 13.08
N ASP A 78 17.16 -4.19 12.30
CA ASP A 78 18.34 -3.32 12.36
C ASP A 78 18.05 -1.87 11.96
N THR A 79 17.00 -1.61 11.17
CA THR A 79 16.63 -0.25 10.76
C THR A 79 15.22 0.09 11.15
N ASP A 80 14.59 -0.72 11.99
CA ASP A 80 13.24 -0.46 12.49
C ASP A 80 13.31 0.61 13.59
N SER A 81 12.14 1.14 13.92
CA SER A 81 12.01 1.96 15.10
C SER A 81 11.86 1.10 16.36
N PRO A 82 12.04 1.70 17.55
CA PRO A 82 12.02 0.89 18.79
C PRO A 82 10.63 0.29 19.06
N LEU A 83 10.62 -0.95 19.53
CA LEU A 83 9.40 -1.55 20.06
C LEU A 83 9.05 -0.91 21.38
N PRO A 84 7.76 -1.04 21.80
CA PRO A 84 6.62 -1.59 21.10
C PRO A 84 6.20 -0.77 19.86
N THR A 85 5.52 -1.45 18.95
CA THR A 85 5.07 -0.88 17.67
C THR A 85 3.57 -0.96 17.54
N ILE A 86 2.96 0.13 17.08
N ILE A 86 2.93 0.14 17.12
CA ILE A 86 1.59 0.13 16.64
CA ILE A 86 1.56 0.13 16.64
C ILE A 86 1.65 0.02 15.12
C ILE A 86 1.65 0.02 15.13
N PRO A 87 1.25 -1.11 14.54
CA PRO A 87 1.41 -1.30 13.09
C PRO A 87 0.43 -0.49 12.25
N GLY A 88 0.67 -0.51 10.92
CA GLY A 88 -0.28 0.04 9.90
C GLY A 88 0.44 1.20 9.24
N TYR A 89 0.61 1.06 7.93
CA TYR A 89 1.23 2.09 7.07
C TYR A 89 0.17 2.96 6.41
N ASP A 90 -0.87 2.35 5.86
CA ASP A 90 -1.90 3.10 5.09
C ASP A 90 -2.97 3.70 6.01
N VAL A 91 -3.37 4.94 5.72
CA VAL A 91 -4.33 5.63 6.57
C VAL A 91 -5.25 6.46 5.71
N ALA A 92 -6.51 6.63 6.09
CA ALA A 92 -7.36 7.69 5.62
C ALA A 92 -8.11 8.26 6.79
N GLY A 93 -8.24 9.56 6.90
CA GLY A 93 -8.96 10.15 8.01
C GLY A 93 -9.03 11.65 7.91
N VAL A 94 -9.20 12.31 9.04
CA VAL A 94 -9.55 13.75 9.09
C VAL A 94 -8.47 14.44 9.94
N VAL A 95 -7.88 15.48 9.40
CA VAL A 95 -6.89 16.24 10.16
C VAL A 95 -7.56 16.93 11.36
N VAL A 96 -6.91 16.78 12.50
CA VAL A 96 -7.32 17.43 13.73
C VAL A 96 -6.31 18.42 14.35
N LYS A 97 -5.08 18.37 13.84
CA LYS A 97 -4.02 19.27 14.31
C LYS A 97 -2.95 19.35 13.26
N VAL A 98 -2.40 20.57 13.13
CA VAL A 98 -1.31 20.80 12.16
C VAL A 98 -0.11 21.39 12.85
N GLY A 99 1.06 20.91 12.43
CA GLY A 99 2.34 21.44 12.93
C GLY A 99 2.64 22.80 12.39
N SER A 100 3.52 23.54 13.08
CA SER A 100 3.82 24.90 12.78
C SER A 100 4.48 25.14 11.43
N GLN A 101 5.04 24.07 10.83
CA GLN A 101 5.63 24.22 9.52
C GLN A 101 4.72 23.72 8.39
N VAL A 102 3.53 23.22 8.73
CA VAL A 102 2.63 22.68 7.72
C VAL A 102 1.90 23.76 6.95
N THR A 103 1.90 23.66 5.62
CA THR A 103 1.22 24.63 4.75
C THR A 103 0.13 24.02 3.86
N LYS A 104 0.14 22.70 3.65
CA LYS A 104 -0.72 22.09 2.65
C LYS A 104 -2.06 21.61 3.19
N PHE A 105 -2.15 21.51 4.52
CA PHE A 105 -3.36 20.94 5.15
C PHE A 105 -3.79 21.85 6.28
N LYS A 106 -5.09 21.83 6.51
CA LYS A 106 -5.69 22.47 7.67
C LYS A 106 -6.59 21.51 8.44
N VAL A 107 -6.89 21.89 9.67
CA VAL A 107 -7.88 21.16 10.48
C VAL A 107 -9.16 20.97 9.71
N GLY A 108 -9.62 19.71 9.68
CA GLY A 108 -10.80 19.34 8.98
C GLY A 108 -10.59 18.72 7.61
N ASP A 109 -9.39 18.86 7.05
CA ASP A 109 -9.14 18.25 5.72
C ASP A 109 -9.25 16.74 5.82
N GLU A 110 -9.89 16.14 4.82
CA GLU A 110 -9.89 14.70 4.67
C GLU A 110 -8.67 14.29 3.85
N VAL A 111 -7.86 13.42 4.43
CA VAL A 111 -6.55 13.06 3.88
C VAL A 111 -6.33 11.59 3.84
N TYR A 112 -5.32 11.16 3.04
CA TYR A 112 -4.90 9.77 3.02
C TYR A 112 -3.44 9.73 2.57
N GLY A 113 -2.80 8.63 2.90
CA GLY A 113 -1.44 8.38 2.54
C GLY A 113 -0.83 7.18 3.20
N ASP A 114 0.40 6.87 2.83
CA ASP A 114 1.22 5.82 3.45
C ASP A 114 2.18 6.54 4.39
N LEU A 115 2.01 6.27 5.70
CA LEU A 115 2.71 7.06 6.68
C LEU A 115 4.27 7.12 6.54
N ASN A 116 4.88 6.05 6.03
CA ASN A 116 6.30 5.89 6.16
C ASN A 116 7.02 6.23 4.89
N GLU A 117 7.69 7.37 4.82
CA GLU A 117 8.43 7.76 3.64
C GLU A 117 9.33 6.63 3.12
N THR A 118 10.11 6.02 4.02
CA THR A 118 11.05 4.92 3.72
C THR A 118 10.57 3.72 4.49
N ALA A 119 9.90 2.77 3.82
CA ALA A 119 9.26 1.70 4.51
C ALA A 119 10.13 0.93 5.46
N LEU A 120 11.35 0.71 5.06
CA LEU A 120 12.23 -0.15 5.79
C LEU A 120 13.19 0.57 6.69
N VAL A 121 13.17 1.89 6.72
CA VAL A 121 14.09 2.66 7.53
C VAL A 121 13.33 3.65 8.42
N ASN A 122 13.36 3.40 9.72
CA ASN A 122 12.66 4.23 10.70
C ASN A 122 11.19 4.50 10.42
N PRO A 123 10.41 3.46 10.09
CA PRO A 123 8.97 3.68 10.06
C PRO A 123 8.50 4.04 11.49
N THR A 124 7.42 4.77 11.58
CA THR A 124 6.96 5.30 12.84
C THR A 124 6.63 4.23 13.86
N ARG A 125 6.82 4.58 15.13
CA ARG A 125 6.35 3.76 16.19
C ARG A 125 4.82 3.76 16.30
N PHE A 126 4.18 4.78 15.76
CA PHE A 126 2.76 5.04 15.96
C PHE A 126 1.99 4.99 14.62
N GLY A 127 1.64 3.74 14.21
CA GLY A 127 1.04 3.51 12.93
C GLY A 127 -0.46 3.83 12.86
N SER A 128 -1.10 3.32 11.83
CA SER A 128 -2.48 3.70 11.51
C SER A 128 -3.52 2.81 12.18
N LEU A 129 -3.13 1.72 12.83
CA LEU A 129 -4.11 0.87 13.52
C LEU A 129 -4.33 1.38 14.95
N ALA A 130 -4.85 2.61 15.01
CA ALA A 130 -5.01 3.39 16.24
C ALA A 130 -6.07 4.45 15.88
N GLU A 131 -6.67 5.01 16.91
CA GLU A 131 -7.71 6.05 16.68
C GLU A 131 -7.16 7.34 16.12
N TYR A 132 -5.93 7.66 16.47
CA TYR A 132 -5.21 8.86 16.01
C TYR A 132 -3.79 8.49 15.61
N THR A 133 -3.24 9.17 14.61
CA THR A 133 -1.87 8.95 14.22
C THR A 133 -1.26 10.28 13.72
N ALA A 134 0.06 10.35 13.75
CA ALA A 134 0.82 11.50 13.23
C ALA A 134 1.40 11.13 11.91
N ALA A 135 1.29 12.04 10.97
CA ALA A 135 1.76 11.85 9.60
C ALA A 135 2.48 13.06 9.06
N ASP A 136 3.58 12.80 8.38
CA ASP A 136 4.30 13.85 7.67
C ASP A 136 3.39 14.47 6.61
N GLU A 137 3.40 15.79 6.52
CA GLU A 137 2.70 16.47 5.44
C GLU A 137 3.07 15.87 4.06
N ARG A 138 4.35 15.54 3.90
CA ARG A 138 4.84 15.11 2.60
C ARG A 138 4.32 13.81 2.11
N VAL A 139 3.77 12.97 3.01
CA VAL A 139 3.24 11.69 2.60
C VAL A 139 1.77 11.70 2.27
N LEU A 140 1.10 12.81 2.57
CA LEU A 140 -0.34 12.89 2.45
C LEU A 140 -0.82 13.60 1.18
N ALA A 141 -2.06 13.23 0.87
CA ALA A 141 -2.87 13.90 -0.15
C ALA A 141 -4.31 14.10 0.31
N HIS A 142 -4.98 15.05 -0.33
CA HIS A 142 -6.41 15.22 -0.08
C HIS A 142 -7.16 14.07 -0.62
N LYS A 143 -8.07 13.55 0.16
CA LYS A 143 -8.90 12.43 -0.29
C LYS A 143 -9.83 12.88 -1.41
N PRO A 144 -9.85 12.16 -2.55
CA PRO A 144 -10.85 12.41 -3.57
C PRO A 144 -12.27 12.34 -3.00
N LYS A 145 -13.10 13.33 -3.32
CA LYS A 145 -14.44 13.40 -2.75
C LYS A 145 -15.33 12.20 -3.09
N ASN A 146 -15.04 11.54 -4.20
CA ASN A 146 -15.85 10.42 -4.71
C ASN A 146 -15.49 9.09 -4.13
N LEU A 147 -14.40 9.07 -3.39
CA LEU A 147 -13.92 7.83 -2.71
C LEU A 147 -14.31 7.81 -1.25
N SER A 148 -14.77 6.68 -0.79
CA SER A 148 -15.03 6.50 0.65
C SER A 148 -13.73 6.43 1.41
N PHE A 149 -13.77 6.48 2.75
CA PHE A 149 -12.58 6.36 3.52
C PHE A 149 -12.00 4.96 3.43
N ILE A 150 -12.86 3.92 3.38
CA ILE A 150 -12.39 2.55 3.12
C ILE A 150 -11.59 2.51 1.82
N GLU A 151 -12.20 3.04 0.77
CA GLU A 151 -11.56 3.01 -0.54
C GLU A 151 -10.26 3.77 -0.58
N ALA A 152 -10.24 4.95 0.01
CA ALA A 152 -9.04 5.76 0.07
C ALA A 152 -7.90 5.07 0.86
N ALA A 153 -8.23 4.52 2.03
CA ALA A 153 -7.24 3.82 2.82
C ALA A 153 -6.57 2.67 2.09
N SER A 154 -7.33 2.04 1.18
CA SER A 154 -6.86 0.88 0.45
C SER A 154 -5.73 1.27 -0.50
N LEU A 155 -5.62 2.52 -0.88
CA LEU A 155 -4.77 2.91 -2.02
C LEU A 155 -3.25 3.08 -1.80
N PRO A 156 -2.81 3.88 -0.82
CA PRO A 156 -1.49 4.53 -0.94
C PRO A 156 -0.30 3.63 -1.20
N LEU A 157 0.06 2.73 -0.28
CA LEU A 157 1.28 1.98 -0.44
C LEU A 157 1.21 1.23 -1.79
N ALA A 158 0.09 0.57 -2.06
CA ALA A 158 0.00 -0.26 -3.28
C ALA A 158 0.06 0.55 -4.55
N ILE A 159 -0.74 1.61 -4.62
CA ILE A 159 -0.82 2.40 -5.84
C ILE A 159 0.49 3.16 -6.11
N GLU A 160 1.17 3.60 -5.06
CA GLU A 160 2.43 4.30 -5.26
C GLU A 160 3.53 3.32 -5.68
N THR A 161 3.49 2.12 -5.09
CA THR A 161 4.47 1.09 -5.50
C THR A 161 4.27 0.73 -6.97
N ALA A 162 3.01 0.59 -7.37
CA ALA A 162 2.68 0.29 -8.80
C ALA A 162 3.27 1.40 -9.65
N HIS A 163 2.98 2.64 -9.31
CA HIS A 163 3.40 3.77 -10.09
C HIS A 163 4.92 3.86 -10.20
N GLU A 164 5.61 3.79 -9.03
CA GLU A 164 7.03 3.94 -9.02
C GLU A 164 7.73 2.82 -9.82
N GLY A 165 7.22 1.61 -9.71
CA GLY A 165 7.83 0.47 -10.45
C GLY A 165 7.73 0.70 -11.94
N LEU A 166 6.57 1.16 -12.39
CA LEU A 166 6.35 1.44 -13.85
C LEU A 166 7.20 2.59 -14.33
N GLU A 167 7.33 3.65 -13.52
CA GLU A 167 8.24 4.72 -13.88
C GLU A 167 9.73 4.24 -13.94
N ARG A 168 10.14 3.40 -12.99
CA ARG A 168 11.50 2.89 -12.97
C ARG A 168 11.76 2.00 -14.23
N ALA A 169 10.70 1.32 -14.64
CA ALA A 169 10.80 0.49 -15.88
C ALA A 169 10.65 1.30 -17.15
N GLU A 170 10.49 2.63 -17.04
CA GLU A 170 10.34 3.54 -18.18
C GLU A 170 9.16 3.22 -19.07
N LEU A 171 8.08 2.69 -18.52
CA LEU A 171 6.88 2.43 -19.30
C LEU A 171 6.37 3.75 -19.86
N SER A 172 5.90 3.70 -21.10
CA SER A 172 5.41 4.86 -21.83
C SER A 172 4.51 4.33 -22.95
N ALA A 173 3.84 5.26 -23.60
CA ALA A 173 2.78 4.92 -24.49
C ALA A 173 3.26 3.99 -25.57
N GLY A 174 2.41 3.00 -25.83
CA GLY A 174 2.64 2.06 -26.91
C GLY A 174 3.37 0.80 -26.52
N LYS A 175 4.03 0.79 -25.39
CA LYS A 175 4.86 -0.34 -24.97
C LYS A 175 4.00 -1.46 -24.39
N SER A 176 4.58 -2.65 -24.32
CA SER A 176 3.90 -3.78 -23.68
C SER A 176 4.42 -4.06 -22.31
N VAL A 177 3.60 -4.63 -21.45
CA VAL A 177 3.99 -4.93 -20.08
C VAL A 177 3.38 -6.24 -19.64
N LEU A 178 4.16 -6.99 -18.92
CA LEU A 178 3.76 -8.22 -18.23
C LEU A 178 3.87 -8.00 -16.73
N VAL A 179 2.79 -8.31 -16.02
CA VAL A 179 2.67 -8.16 -14.56
C VAL A 179 2.62 -9.54 -13.95
N LEU A 180 3.58 -9.90 -13.09
CA LEU A 180 3.51 -11.16 -12.38
C LEU A 180 2.88 -10.93 -11.02
N GLY A 181 1.68 -11.47 -10.83
CA GLY A 181 0.83 -11.23 -9.62
C GLY A 181 -0.19 -10.16 -9.78
N GLY A 182 -1.03 -10.28 -10.80
CA GLY A 182 -1.99 -9.28 -11.11
C GLY A 182 -3.12 -9.04 -10.15
N ALA A 183 -3.43 -9.98 -9.27
CA ALA A 183 -4.66 -9.88 -8.48
C ALA A 183 -4.48 -9.34 -7.03
N GLY A 184 -3.25 -8.99 -6.65
CA GLY A 184 -2.98 -8.54 -5.28
C GLY A 184 -3.17 -7.05 -5.12
N GLY A 185 -2.82 -6.61 -3.94
CA GLY A 185 -2.92 -5.19 -3.61
C GLY A 185 -2.17 -4.34 -4.57
N VAL A 186 -0.92 -4.72 -4.92
CA VAL A 186 -0.10 -3.95 -5.83
C VAL A 186 -0.44 -4.24 -7.28
N GLY A 187 -0.54 -5.52 -7.60
CA GLY A 187 -0.74 -5.93 -9.01
C GLY A 187 -1.99 -5.38 -9.66
N THR A 188 -3.08 -5.28 -8.91
CA THR A 188 -4.29 -4.69 -9.44
C THR A 188 -4.11 -3.25 -9.86
N HIS A 189 -3.23 -2.52 -9.17
CA HIS A 189 -2.88 -1.17 -9.61
C HIS A 189 -1.85 -1.13 -10.71
N ILE A 190 -0.90 -2.08 -10.71
CA ILE A 190 0.04 -2.13 -11.82
C ILE A 190 -0.75 -2.23 -13.15
N ILE A 191 -1.70 -3.15 -13.19
CA ILE A 191 -2.54 -3.33 -14.39
C ILE A 191 -3.25 -2.03 -14.76
N GLN A 192 -3.97 -1.43 -13.81
CA GLN A 192 -4.75 -0.24 -14.15
C GLN A 192 -3.90 0.92 -14.55
N LEU A 193 -2.81 1.13 -13.82
CA LEU A 193 -1.96 2.24 -14.20
C LEU A 193 -1.30 2.03 -15.53
N ALA A 194 -0.80 0.81 -15.75
CA ALA A 194 -0.13 0.53 -17.04
C ALA A 194 -1.05 0.86 -18.20
N LYS A 195 -2.30 0.41 -18.11
CA LYS A 195 -3.25 0.64 -19.19
C LYS A 195 -3.72 2.09 -19.26
N HIS A 196 -4.14 2.64 -18.12
CA HIS A 196 -4.91 3.86 -18.13
C HIS A 196 -4.10 5.13 -17.87
N VAL A 197 -2.91 4.99 -17.26
CA VAL A 197 -2.04 6.14 -16.95
C VAL A 197 -0.79 6.20 -17.84
N PHE A 198 -0.16 5.04 -18.10
CA PHE A 198 1.09 4.98 -18.86
C PHE A 198 0.89 4.63 -20.34
N GLY A 199 -0.36 4.34 -20.75
CA GLY A 199 -0.69 4.14 -22.15
C GLY A 199 -0.13 2.89 -22.82
N ALA A 200 0.01 1.81 -22.03
CA ALA A 200 0.56 0.59 -22.59
C ALA A 200 -0.33 0.08 -23.72
N SER A 201 0.24 -0.45 -24.79
CA SER A 201 -0.55 -1.06 -25.86
C SER A 201 -1.06 -2.45 -25.50
N LYS A 202 -0.30 -3.16 -24.68
CA LYS A 202 -0.72 -4.50 -24.31
C LYS A 202 -0.29 -4.74 -22.87
N VAL A 203 -1.23 -5.21 -22.03
CA VAL A 203 -0.99 -5.54 -20.66
C VAL A 203 -1.33 -6.99 -20.46
N ALA A 204 -0.32 -7.78 -20.10
CA ALA A 204 -0.49 -9.20 -19.74
C ALA A 204 -0.27 -9.35 -18.24
N ALA A 205 -0.96 -10.29 -17.62
CA ALA A 205 -0.79 -10.50 -16.17
C ALA A 205 -1.10 -11.91 -15.78
N THR A 206 -0.40 -12.36 -14.74
CA THR A 206 -0.59 -13.71 -14.19
C THR A 206 -1.40 -13.70 -12.90
N ALA A 207 -2.23 -14.72 -12.79
CA ALA A 207 -2.99 -15.05 -11.62
C ALA A 207 -3.49 -16.48 -11.72
N SER A 208 -4.13 -16.97 -10.67
CA SER A 208 -4.73 -18.32 -10.71
C SER A 208 -6.11 -18.30 -11.40
N THR A 209 -6.67 -19.49 -11.58
CA THR A 209 -7.80 -19.72 -12.48
C THR A 209 -9.03 -18.81 -12.31
N LYS A 210 -9.45 -18.60 -11.05
CA LYS A 210 -10.72 -17.89 -10.79
C LYS A 210 -10.55 -16.37 -10.86
N LYS A 211 -9.30 -15.91 -10.97
CA LYS A 211 -8.96 -14.48 -10.91
C LYS A 211 -8.73 -13.85 -12.28
N LEU A 212 -8.81 -14.64 -13.34
CA LEU A 212 -8.49 -14.08 -14.63
C LEU A 212 -9.51 -13.03 -15.12
N ASP A 213 -10.80 -13.23 -14.85
CA ASP A 213 -11.78 -12.24 -15.31
C ASP A 213 -11.53 -10.89 -14.65
N LEU A 214 -11.19 -10.90 -13.38
CA LEU A 214 -10.82 -9.65 -12.69
C LEU A 214 -9.66 -8.95 -13.38
N LEU A 215 -8.62 -9.69 -13.72
CA LEU A 215 -7.51 -9.08 -14.45
C LEU A 215 -7.97 -8.38 -15.71
N ARG A 216 -8.85 -9.04 -16.49
CA ARG A 216 -9.30 -8.45 -17.72
C ARG A 216 -10.15 -7.20 -17.44
N THR A 217 -11.01 -7.30 -16.41
CA THR A 217 -11.83 -6.15 -15.99
C THR A 217 -10.98 -4.92 -15.65
N LEU A 218 -9.86 -5.15 -15.01
CA LEU A 218 -8.94 -4.03 -14.63
C LEU A 218 -8.10 -3.43 -15.76
N GLY A 219 -8.06 -4.10 -16.92
CA GLY A 219 -7.31 -3.60 -18.05
C GLY A 219 -6.33 -4.57 -18.68
N ALA A 220 -6.26 -5.82 -18.20
CA ALA A 220 -5.34 -6.74 -18.85
C ALA A 220 -5.92 -7.25 -20.16
N ASP A 221 -5.10 -7.18 -21.21
CA ASP A 221 -5.45 -7.73 -22.50
C ASP A 221 -5.28 -9.22 -22.58
N LEU A 222 -4.38 -9.74 -21.73
CA LEU A 222 -4.06 -11.15 -21.73
C LEU A 222 -3.89 -11.53 -20.28
N ALA A 223 -4.76 -12.42 -19.82
CA ALA A 223 -4.69 -12.97 -18.51
C ALA A 223 -4.18 -14.42 -18.61
N ILE A 224 -3.09 -14.67 -17.91
CA ILE A 224 -2.35 -15.92 -17.97
C ILE A 224 -2.53 -16.68 -16.65
N ASP A 225 -3.01 -17.93 -16.72
CA ASP A 225 -3.22 -18.74 -15.53
C ASP A 225 -1.90 -19.44 -15.20
N TYR A 226 -1.20 -18.94 -14.16
CA TYR A 226 0.10 -19.52 -13.81
C TYR A 226 0.00 -20.95 -13.32
N THR A 227 -1.19 -21.40 -12.93
CA THR A 227 -1.32 -22.79 -12.49
C THR A 227 -1.48 -23.73 -13.70
N LYS A 228 -1.67 -23.17 -14.90
CA LYS A 228 -1.76 -23.97 -16.12
C LYS A 228 -0.65 -23.78 -17.15
N GLU A 229 0.07 -22.67 -17.08
CA GLU A 229 1.13 -22.46 -18.03
C GLU A 229 2.17 -21.51 -17.50
N ASN A 230 3.33 -21.55 -18.13
CA ASN A 230 4.52 -20.82 -17.70
C ASN A 230 4.79 -19.65 -18.61
N PHE A 231 4.59 -18.44 -18.09
CA PHE A 231 4.67 -17.23 -18.92
C PHE A 231 6.01 -17.15 -19.65
N GLU A 232 7.09 -17.63 -19.04
CA GLU A 232 8.43 -17.39 -19.57
C GLU A 232 8.68 -18.27 -20.78
N ASP A 233 7.88 -19.34 -20.91
CA ASP A 233 7.95 -20.22 -22.08
C ASP A 233 7.14 -19.74 -23.29
N LEU A 234 6.29 -18.73 -23.14
CA LEU A 234 5.59 -18.13 -24.27
C LEU A 234 6.61 -17.43 -25.19
N PRO A 235 6.38 -17.45 -26.50
CA PRO A 235 7.25 -16.75 -27.45
C PRO A 235 7.13 -15.24 -27.34
N GLU A 236 6.03 -14.77 -26.78
CA GLU A 236 5.82 -13.36 -26.64
C GLU A 236 6.77 -12.81 -25.59
N LYS A 237 7.48 -11.73 -25.91
CA LYS A 237 8.35 -11.01 -24.98
C LYS A 237 7.88 -9.56 -24.85
N PHE A 238 8.16 -8.95 -23.71
CA PHE A 238 7.57 -7.68 -23.32
C PHE A 238 8.61 -6.59 -23.13
N ASP A 239 8.19 -5.36 -23.38
CA ASP A 239 9.05 -4.21 -23.14
C ASP A 239 9.38 -4.02 -21.66
N VAL A 240 8.40 -4.31 -20.80
CA VAL A 240 8.51 -4.18 -19.36
C VAL A 240 7.98 -5.46 -18.75
N VAL A 241 8.70 -5.96 -17.74
CA VAL A 241 8.19 -7.00 -16.87
C VAL A 241 8.24 -6.51 -15.42
N TYR A 242 7.09 -6.51 -14.77
CA TYR A 242 6.99 -6.06 -13.38
C TYR A 242 6.58 -7.25 -12.51
N ASP A 243 7.57 -7.73 -11.78
CA ASP A 243 7.41 -8.83 -10.88
C ASP A 243 6.91 -8.36 -9.49
N ALA A 244 5.74 -8.83 -9.10
CA ALA A 244 5.19 -8.57 -7.76
C ALA A 244 5.08 -9.86 -6.93
N VAL A 245 5.83 -10.89 -7.30
N VAL A 245 5.72 -10.94 -7.36
CA VAL A 245 5.69 -12.23 -6.70
CA VAL A 245 5.67 -12.17 -6.58
C VAL A 245 7.00 -12.94 -6.34
C VAL A 245 7.05 -12.53 -6.01
N GLY A 246 8.11 -12.39 -6.81
CA GLY A 246 9.43 -12.92 -6.46
C GLY A 246 9.87 -14.02 -7.40
N GLU A 247 9.79 -13.76 -8.66
CA GLU A 247 10.29 -14.71 -9.63
C GLU A 247 11.02 -14.04 -10.74
N THR A 248 12.04 -13.28 -10.34
CA THR A 248 12.90 -12.59 -11.30
C THR A 248 13.70 -13.53 -12.16
N ASP A 249 14.00 -14.73 -11.67
CA ASP A 249 14.65 -15.73 -12.52
C ASP A 249 13.91 -16.01 -13.80
N LYS A 250 12.61 -16.11 -13.70
CA LYS A 250 11.75 -16.29 -14.86
C LYS A 250 11.41 -14.98 -15.54
N ALA A 251 11.27 -13.91 -14.77
CA ALA A 251 10.90 -12.64 -15.37
C ALA A 251 11.89 -12.17 -16.39
N VAL A 252 13.17 -12.40 -16.12
CA VAL A 252 14.22 -11.94 -17.07
C VAL A 252 14.17 -12.70 -18.38
N LYS A 253 13.44 -13.82 -18.40
CA LYS A 253 13.32 -14.64 -19.61
C LYS A 253 12.15 -14.18 -20.49
N ALA A 254 11.35 -13.26 -19.99
CA ALA A 254 10.16 -12.78 -20.70
C ALA A 254 10.29 -11.36 -21.24
N VAL A 255 11.45 -10.73 -21.07
CA VAL A 255 11.65 -9.34 -21.50
C VAL A 255 12.38 -9.32 -22.87
N LYS A 256 11.99 -8.31 -23.64
CA LYS A 256 12.70 -7.99 -24.86
C LYS A 256 14.12 -7.46 -24.58
N GLU A 257 15.03 -7.70 -25.51
CA GLU A 257 16.37 -7.12 -25.48
C GLU A 257 16.20 -5.61 -25.39
N GLY A 258 16.84 -4.99 -24.42
CA GLY A 258 16.70 -3.57 -24.20
C GLY A 258 15.52 -3.12 -23.36
N GLY A 259 14.68 -4.06 -22.94
CA GLY A 259 13.53 -3.82 -22.10
C GLY A 259 13.96 -3.75 -20.65
N LYS A 260 13.00 -3.60 -19.77
CA LYS A 260 13.32 -3.42 -18.32
C LYS A 260 12.50 -4.36 -17.51
N VAL A 261 13.16 -4.92 -16.49
CA VAL A 261 12.50 -5.78 -15.50
C VAL A 261 12.70 -5.15 -14.11
N VAL A 262 11.58 -4.98 -13.43
CA VAL A 262 11.59 -4.50 -12.06
C VAL A 262 10.87 -5.47 -11.17
N THR A 263 11.32 -5.57 -9.91
CA THR A 263 10.67 -6.39 -8.93
C THR A 263 10.57 -5.63 -7.61
N ILE A 264 9.57 -6.03 -6.86
CA ILE A 264 9.40 -5.56 -5.48
C ILE A 264 9.65 -6.62 -4.45
N VAL A 265 10.10 -7.82 -4.89
CA VAL A 265 10.39 -8.94 -4.01
C VAL A 265 11.80 -9.43 -4.37
N GLY A 266 12.77 -9.18 -3.50
CA GLY A 266 14.18 -9.55 -3.81
C GLY A 266 14.46 -10.97 -3.35
N PRO A 267 15.66 -11.47 -3.64
CA PRO A 267 16.71 -10.77 -4.43
C PRO A 267 16.45 -10.81 -5.93
N ALA A 268 16.88 -9.74 -6.59
CA ALA A 268 16.76 -9.56 -7.98
C ALA A 268 17.93 -10.08 -8.78
N THR A 269 17.56 -10.96 -9.70
CA THR A 269 18.50 -11.52 -10.66
C THR A 269 18.82 -10.50 -11.76
N PRO A 270 20.05 -9.99 -11.87
CA PRO A 270 20.31 -9.04 -12.94
C PRO A 270 19.90 -9.65 -14.28
N PRO A 271 19.31 -8.84 -15.20
CA PRO A 271 19.24 -7.39 -15.18
C PRO A 271 18.04 -6.80 -14.45
N ALA A 272 17.24 -7.61 -13.77
CA ALA A 272 16.13 -7.06 -13.00
C ALA A 272 16.66 -6.24 -11.85
N ILE A 273 15.94 -5.21 -11.49
CA ILE A 273 16.26 -4.45 -10.32
C ILE A 273 15.14 -4.59 -9.29
N LEU A 274 15.54 -4.57 -8.04
CA LEU A 274 14.65 -4.45 -6.87
C LEU A 274 14.67 -3.01 -6.38
N PHE A 275 13.52 -2.47 -6.03
CA PHE A 275 13.43 -1.19 -5.33
C PHE A 275 12.44 -1.34 -4.18
N VAL A 276 12.48 -0.38 -3.29
CA VAL A 276 11.48 -0.22 -2.24
C VAL A 276 10.90 1.18 -2.41
N LEU A 277 9.57 1.28 -2.40
CA LEU A 277 8.94 2.55 -2.73
C LEU A 277 9.35 3.66 -1.78
N THR A 278 9.27 4.87 -2.27
CA THR A 278 9.33 6.05 -1.49
C THR A 278 7.90 6.59 -1.42
N SER A 279 7.37 6.71 -0.21
CA SER A 279 5.98 7.25 -0.05
C SER A 279 5.94 8.72 -0.19
N LYS A 280 5.07 9.22 -1.08
CA LYS A 280 4.96 10.61 -1.48
C LYS A 280 3.51 10.99 -1.74
N GLY A 281 2.99 11.96 -1.01
CA GLY A 281 1.67 12.48 -1.32
C GLY A 281 1.55 13.03 -2.70
N SER A 282 2.65 13.55 -3.23
CA SER A 282 2.60 14.14 -4.60
C SER A 282 2.18 13.11 -5.65
N VAL A 283 2.49 11.85 -5.42
CA VAL A 283 2.11 10.77 -6.36
C VAL A 283 0.58 10.60 -6.35
N LEU A 284 0.01 10.61 -5.17
CA LEU A 284 -1.46 10.56 -5.05
C LEU A 284 -2.08 11.74 -5.72
N GLU A 285 -1.52 12.92 -5.53
CA GLU A 285 -2.04 14.13 -6.15
C GLU A 285 -1.99 14.03 -7.70
N LYS A 286 -0.93 13.49 -8.24
CA LYS A 286 -0.80 13.28 -9.66
C LYS A 286 -1.87 12.33 -10.19
N LEU A 287 -2.19 11.32 -9.40
CA LEU A 287 -3.18 10.34 -9.78
C LEU A 287 -4.64 10.79 -9.54
N LYS A 288 -4.85 11.90 -8.83
CA LYS A 288 -6.21 12.33 -8.43
C LYS A 288 -7.21 12.36 -9.59
N PRO A 289 -6.82 12.87 -10.75
CA PRO A 289 -7.85 12.91 -11.79
C PRO A 289 -8.35 11.54 -12.22
N TYR A 290 -7.48 10.57 -12.25
CA TYR A 290 -7.87 9.21 -12.65
C TYR A 290 -8.72 8.59 -11.57
N LEU A 291 -8.48 8.97 -10.33
CA LEU A 291 -9.27 8.42 -9.25
C LEU A 291 -10.68 9.06 -9.22
N GLU A 292 -10.76 10.35 -9.51
CA GLU A 292 -12.01 11.07 -9.54
C GLU A 292 -12.87 10.67 -10.70
N SER A 293 -12.27 10.37 -11.83
CA SER A 293 -13.03 9.98 -13.03
C SER A 293 -13.45 8.51 -13.00
N GLY A 294 -12.81 7.72 -12.14
CA GLY A 294 -13.04 6.27 -12.09
C GLY A 294 -12.23 5.46 -13.10
N LYS A 295 -11.33 6.11 -13.83
CA LYS A 295 -10.47 5.36 -14.78
C LYS A 295 -9.58 4.40 -14.03
N VAL A 296 -9.13 4.80 -12.85
CA VAL A 296 -8.43 3.91 -11.92
C VAL A 296 -9.31 3.83 -10.65
N LYS A 297 -9.54 2.59 -10.21
CA LYS A 297 -10.47 2.29 -9.13
C LYS A 297 -9.76 1.61 -8.01
N PRO A 298 -10.22 1.85 -6.78
CA PRO A 298 -9.81 1.02 -5.69
C PRO A 298 -10.31 -0.41 -5.93
N VAL A 299 -9.56 -1.35 -5.35
CA VAL A 299 -9.89 -2.76 -5.41
C VAL A 299 -9.86 -3.34 -4.03
N LEU A 300 -11.06 -3.74 -3.54
CA LEU A 300 -11.20 -4.26 -2.21
C LEU A 300 -11.46 -5.74 -2.22
N ASP A 301 -10.81 -6.45 -1.30
CA ASP A 301 -11.11 -7.85 -1.11
C ASP A 301 -12.56 -8.00 -0.64
N PRO A 302 -13.24 -9.05 -1.09
CA PRO A 302 -14.65 -9.18 -0.64
C PRO A 302 -14.81 -9.27 0.87
N THR A 303 -13.75 -9.67 1.57
CA THR A 303 -13.83 -9.76 3.04
C THR A 303 -13.71 -8.40 3.72
N SER A 304 -13.28 -7.38 2.98
CA SER A 304 -13.17 -6.02 3.53
C SER A 304 -14.55 -5.40 3.65
N PRO A 305 -14.77 -4.56 4.69
CA PRO A 305 -13.86 -4.18 5.77
C PRO A 305 -13.94 -5.12 6.96
N TYR A 306 -12.83 -5.22 7.66
CA TYR A 306 -12.75 -5.89 8.95
C TYR A 306 -12.93 -4.86 10.05
N PRO A 307 -13.79 -5.13 11.01
CA PRO A 307 -13.89 -4.24 12.15
C PRO A 307 -12.56 -4.16 12.96
N PHE A 308 -12.42 -3.05 13.72
CA PHE A 308 -11.21 -2.87 14.49
C PHE A 308 -10.97 -3.95 15.53
N THR A 309 -12.03 -4.65 15.97
CA THR A 309 -11.88 -5.84 16.78
C THR A 309 -11.24 -7.03 16.11
N LYS A 310 -11.19 -7.04 14.79
CA LYS A 310 -10.81 -8.21 14.03
C LYS A 310 -9.50 -8.09 13.29
N VAL A 311 -8.60 -7.27 13.83
CA VAL A 311 -7.35 -7.00 13.18
C VAL A 311 -6.50 -8.29 13.06
N VAL A 312 -6.50 -9.11 14.07
CA VAL A 312 -5.70 -10.36 14.00
C VAL A 312 -6.19 -11.25 12.84
N GLU A 313 -7.51 -11.37 12.71
CA GLU A 313 -8.12 -12.13 11.62
C GLU A 313 -7.81 -11.52 10.24
N ALA A 314 -7.79 -10.18 10.18
CA ALA A 314 -7.47 -9.50 8.92
C ALA A 314 -6.05 -9.86 8.50
N PHE A 315 -5.11 -9.82 9.47
CA PHE A 315 -3.74 -10.19 9.17
C PHE A 315 -3.62 -11.67 8.77
N GLY A 316 -4.32 -12.54 9.45
CA GLY A 316 -4.30 -13.96 9.10
C GLY A 316 -4.67 -14.17 7.63
N TYR A 317 -5.72 -13.45 7.20
CA TYR A 317 -6.20 -13.54 5.81
C TYR A 317 -5.15 -12.99 4.85
N LEU A 318 -4.59 -11.81 5.13
CA LEU A 318 -3.54 -11.28 4.26
C LEU A 318 -2.36 -12.25 4.16
N GLU A 319 -1.98 -12.80 5.30
CA GLU A 319 -0.82 -13.71 5.39
C GLU A 319 -1.04 -15.00 4.55
N SER A 320 -2.29 -15.28 4.15
CA SER A 320 -2.58 -16.45 3.33
C SER A 320 -2.07 -16.30 1.89
N SER A 321 -1.73 -15.07 1.50
CA SER A 321 -1.21 -14.72 0.15
C SER A 321 -2.27 -14.78 -0.93
N ARG A 322 -3.53 -14.89 -0.55
CA ARG A 322 -4.66 -15.05 -1.48
C ARG A 322 -5.55 -13.81 -1.64
N ALA A 323 -5.21 -12.72 -0.97
CA ALA A 323 -6.07 -11.52 -1.04
C ALA A 323 -6.21 -11.05 -2.52
N THR A 324 -7.44 -10.69 -2.86
CA THR A 324 -7.76 -10.05 -4.12
C THR A 324 -7.90 -8.55 -3.84
N GLY A 325 -6.98 -7.72 -4.32
CA GLY A 325 -6.95 -6.30 -3.86
C GLY A 325 -6.72 -6.21 -2.40
N LYS A 326 -7.36 -5.25 -1.75
CA LYS A 326 -6.96 -4.77 -0.44
C LYS A 326 -7.78 -5.25 0.75
N VAL A 327 -7.09 -5.49 1.85
CA VAL A 327 -7.66 -5.80 3.17
C VAL A 327 -7.66 -4.47 3.95
N VAL A 328 -8.86 -3.99 4.29
CA VAL A 328 -9.04 -2.73 5.00
C VAL A 328 -9.82 -2.94 6.29
N VAL A 329 -9.39 -2.16 7.28
CA VAL A 329 -9.95 -2.17 8.63
C VAL A 329 -10.80 -0.91 8.83
N TYR A 330 -12.06 -1.10 9.17
CA TYR A 330 -13.02 0.00 9.36
C TYR A 330 -14.23 -0.60 10.06
N PRO A 331 -14.88 0.17 10.98
CA PRO A 331 -14.51 1.50 11.49
C PRO A 331 -13.45 1.46 12.55
N ILE A 332 -12.56 2.42 12.55
CA ILE A 332 -11.56 2.60 13.61
C ILE A 332 -12.04 3.75 14.47
#